data_1Z2J
#
_entry.id   1Z2J
#
_entity_poly.entity_id   1
_entity_poly.type   'polyribonucleotide'
_entity_poly.pdbx_seq_one_letter_code
;GGGAAGAUCUGGCCUUCCCACAAGGGAAGGCCAGGGAAUCUUCCC
;
_entity_poly.pdbx_strand_id   A
#